data_5DJV
#
_entry.id   5DJV
#
_cell.length_a   111.880
_cell.length_b   111.880
_cell.length_c   74.020
_cell.angle_alpha   90.000
_cell.angle_beta   90.000
_cell.angle_gamma   90.000
#
_symmetry.space_group_name_H-M   'P 41 21 2'
#
loop_
_entity.id
_entity.type
_entity.pdbx_description
1 polymer 'Farnesyl pyrophosphate synthase'
2 non-polymer '8-(naphthalen-1-yl)-6-(1H-pyrrol-2-yl)quinoline-2-carboxylic acid'
3 water water
#
_entity_poly.entity_id   1
_entity_poly.type   'polypeptide(L)'
_entity_poly.pdbx_seq_one_letter_code
;GPNSDVYAQEKQDFVQHFSQIVRVLTEDEMGHPEIGDAIARLKEVLEYNAIGGKYNRGLTVVVAFRELVEPRKQDADSLQ
RAWTVGWCVELLQAFFLVADDIMDSSLTRRGQICWYQKPGVGLDAINDANLLEACIYRLLKLYCREQPYYLNLIELFLQS
SYQTEIGQTLDLLTAPQGNVDLVRFTEKRYKSIVKYKTAFYSFYLPIAAAMYMAGIDGEKEHANAKKILLEMGEFFQIQD
DYLDLFGDPSVTGKIGTDIQDNKCSWLVVQCLQRATPEQYQILKENYGQKEAEKVARVKALYEELDLPAVFLQYEEDSYS
HIMALIEQYAAPLPPAVFLGLARKIYKRRK
;
_entity_poly.pdbx_strand_id   F
#
loop_
_chem_comp.id
_chem_comp.type
_chem_comp.name
_chem_comp.formula
5BL non-polymer '8-(naphthalen-1-yl)-6-(1H-pyrrol-2-yl)quinoline-2-carboxylic acid' 'C24 H16 N2 O2'
#
# COMPACT_ATOMS: atom_id res chain seq x y z
N ASP A 5 -11.07 -16.04 11.62
CA ASP A 5 -10.98 -14.59 11.34
C ASP A 5 -11.58 -14.19 9.97
N VAL A 6 -12.38 -13.09 9.97
CA VAL A 6 -13.07 -12.52 8.80
C VAL A 6 -12.13 -12.45 7.59
N TYR A 7 -10.83 -12.17 7.87
CA TYR A 7 -9.76 -12.14 6.88
C TYR A 7 -9.31 -13.55 6.51
N ALA A 8 -8.64 -14.25 7.48
CA ALA A 8 -8.06 -15.60 7.32
C ALA A 8 -8.95 -16.60 6.55
N GLN A 9 -10.26 -16.61 6.85
CA GLN A 9 -11.23 -17.50 6.21
C GLN A 9 -11.43 -17.13 4.73
N GLU A 10 -11.90 -15.89 4.48
CA GLU A 10 -12.18 -15.29 3.18
C GLU A 10 -10.97 -15.22 2.22
N LYS A 11 -9.71 -15.27 2.76
CA LYS A 11 -8.47 -15.21 1.98
C LYS A 11 -8.35 -16.35 0.94
N GLN A 12 -9.01 -17.48 1.17
CA GLN A 12 -8.99 -18.62 0.25
C GLN A 12 -9.89 -18.38 -0.96
N ASP A 13 -11.16 -17.94 -0.71
CA ASP A 13 -12.15 -17.62 -1.74
C ASP A 13 -11.62 -16.44 -2.54
N PHE A 14 -10.97 -15.47 -1.86
CA PHE A 14 -10.43 -14.28 -2.51
C PHE A 14 -9.41 -14.70 -3.54
N VAL A 15 -8.37 -15.45 -3.12
CA VAL A 15 -7.28 -15.94 -3.98
C VAL A 15 -7.80 -16.90 -5.08
N GLN A 16 -8.84 -17.71 -4.78
CA GLN A 16 -9.46 -18.61 -5.77
C GLN A 16 -10.14 -17.84 -6.92
N HIS A 17 -10.62 -16.60 -6.65
CA HIS A 17 -11.25 -15.76 -7.67
C HIS A 17 -10.22 -15.17 -8.67
N PHE A 18 -8.90 -15.19 -8.34
CA PHE A 18 -7.85 -14.69 -9.26
C PHE A 18 -7.88 -15.44 -10.62
N SER A 19 -8.18 -16.75 -10.59
CA SER A 19 -8.27 -17.61 -11.77
C SER A 19 -9.29 -17.07 -12.77
N GLN A 20 -10.48 -16.63 -12.27
CA GLN A 20 -11.57 -16.03 -13.06
C GLN A 20 -11.15 -14.64 -13.62
N ILE A 21 -10.50 -13.81 -12.77
CA ILE A 21 -9.98 -12.47 -13.10
C ILE A 21 -9.09 -12.61 -14.34
N VAL A 22 -8.10 -13.53 -14.28
CA VAL A 22 -7.17 -13.80 -15.38
C VAL A 22 -7.90 -14.29 -16.64
N ARG A 23 -8.87 -15.22 -16.49
CA ARG A 23 -9.64 -15.78 -17.61
C ARG A 23 -10.40 -14.71 -18.42
N VAL A 24 -11.11 -13.83 -17.69
CA VAL A 24 -11.92 -12.71 -18.17
C VAL A 24 -11.03 -11.61 -18.78
N LEU A 25 -9.88 -11.33 -18.16
CA LEU A 25 -8.93 -10.33 -18.65
C LEU A 25 -8.19 -10.77 -19.90
N THR A 26 -8.07 -12.08 -20.12
CA THR A 26 -7.41 -12.63 -21.30
C THR A 26 -8.42 -13.20 -22.31
N GLU A 27 -9.73 -12.85 -22.16
CA GLU A 27 -10.83 -13.35 -23.00
C GLU A 27 -10.96 -12.69 -24.39
N ASP A 28 -10.51 -11.41 -24.56
CA ASP A 28 -10.59 -10.69 -25.85
C ASP A 28 -9.66 -11.31 -26.94
N GLU A 29 -8.86 -12.31 -26.56
CA GLU A 29 -7.94 -13.11 -27.39
C GLU A 29 -8.74 -13.94 -28.42
N MET A 30 -10.01 -14.27 -28.09
CA MET A 30 -10.93 -15.06 -28.94
C MET A 30 -11.32 -14.26 -30.19
N GLY A 31 -11.99 -13.12 -29.99
CA GLY A 31 -12.46 -12.22 -31.05
C GLY A 31 -11.36 -11.48 -31.78
N HIS A 32 -10.21 -11.26 -31.08
CA HIS A 32 -9.04 -10.57 -31.63
C HIS A 32 -7.77 -11.46 -31.50
N PRO A 33 -7.60 -12.51 -32.35
CA PRO A 33 -6.41 -13.36 -32.24
C PRO A 33 -5.13 -12.67 -32.76
N GLU A 34 -5.31 -11.52 -33.41
CA GLU A 34 -4.26 -10.64 -33.91
C GLU A 34 -3.28 -10.22 -32.77
N ILE A 35 -3.86 -9.93 -31.58
CA ILE A 35 -3.18 -9.49 -30.35
C ILE A 35 -2.94 -10.60 -29.36
N GLY A 36 -3.14 -11.85 -29.78
CA GLY A 36 -2.99 -13.03 -28.92
C GLY A 36 -1.72 -13.06 -28.09
N ASP A 37 -0.57 -12.81 -28.75
CA ASP A 37 0.77 -12.78 -28.15
C ASP A 37 0.91 -11.72 -27.05
N ALA A 38 0.28 -10.55 -27.21
CA ALA A 38 0.27 -9.48 -26.23
C ALA A 38 -0.57 -9.88 -25.02
N ILE A 39 -1.66 -10.64 -25.27
CA ILE A 39 -2.59 -11.12 -24.24
C ILE A 39 -1.88 -12.19 -23.40
N ALA A 40 -1.06 -13.02 -24.07
CA ALA A 40 -0.22 -14.05 -23.45
C ALA A 40 0.78 -13.35 -22.51
N ARG A 41 1.41 -12.23 -22.96
CA ARG A 41 2.32 -11.45 -22.13
C ARG A 41 1.58 -10.84 -20.92
N LEU A 42 0.37 -10.29 -21.14
CA LEU A 42 -0.44 -9.73 -20.05
C LEU A 42 -0.69 -10.73 -18.94
N LYS A 43 -1.02 -11.99 -19.32
CA LYS A 43 -1.30 -13.10 -18.42
C LYS A 43 -0.07 -13.39 -17.53
N GLU A 44 1.13 -13.45 -18.11
CA GLU A 44 2.38 -13.67 -17.38
C GLU A 44 2.62 -12.47 -16.40
N VAL A 45 2.34 -11.24 -16.83
CA VAL A 45 2.50 -10.03 -16.00
C VAL A 45 1.59 -10.13 -14.76
N LEU A 46 0.30 -10.50 -14.96
CA LEU A 46 -0.70 -10.66 -13.89
C LEU A 46 -0.25 -11.73 -12.92
N GLU A 47 0.10 -12.91 -13.45
CA GLU A 47 0.52 -14.06 -12.66
C GLU A 47 1.81 -13.83 -11.87
N TYR A 48 2.76 -13.06 -12.40
CA TYR A 48 3.98 -12.80 -11.65
C TYR A 48 3.79 -11.73 -10.56
N ASN A 49 3.12 -10.65 -10.91
CA ASN A 49 3.02 -9.43 -10.11
C ASN A 49 1.81 -9.25 -9.21
N ALA A 50 0.68 -9.89 -9.50
CA ALA A 50 -0.50 -9.72 -8.65
C ALA A 50 -0.54 -10.79 -7.54
N ILE A 51 0.23 -11.88 -7.71
CA ILE A 51 0.31 -13.00 -6.77
C ILE A 51 1.62 -12.96 -5.97
N GLY A 52 1.57 -13.38 -4.71
CA GLY A 52 2.75 -13.49 -3.83
C GLY A 52 2.75 -12.69 -2.54
N GLY A 53 1.89 -11.69 -2.46
CA GLY A 53 1.76 -10.85 -1.27
C GLY A 53 0.80 -11.43 -0.27
N LYS A 54 0.31 -10.60 0.65
CA LYS A 54 -0.63 -11.03 1.68
C LYS A 54 -2.09 -10.76 1.30
N TYR A 55 -2.36 -9.90 0.26
CA TYR A 55 -3.71 -9.60 -0.27
C TYR A 55 -4.64 -8.86 0.69
N ASN A 56 -4.09 -8.22 1.73
CA ASN A 56 -4.88 -7.58 2.79
C ASN A 56 -5.67 -6.37 2.35
N ARG A 57 -5.11 -5.53 1.48
CA ARG A 57 -5.83 -4.37 0.93
C ARG A 57 -7.05 -4.79 0.10
N GLY A 58 -6.86 -5.80 -0.77
CA GLY A 58 -7.92 -6.37 -1.59
C GLY A 58 -8.97 -7.05 -0.72
N LEU A 59 -8.49 -7.78 0.30
CA LEU A 59 -9.31 -8.44 1.27
C LEU A 59 -10.16 -7.46 2.07
N THR A 60 -9.60 -6.27 2.42
CA THR A 60 -10.33 -5.23 3.16
C THR A 60 -11.63 -4.86 2.45
N VAL A 61 -11.61 -4.78 1.08
CA VAL A 61 -12.80 -4.49 0.27
C VAL A 61 -13.90 -5.53 0.59
N VAL A 62 -13.55 -6.85 0.51
CA VAL A 62 -14.47 -7.97 0.69
C VAL A 62 -15.05 -7.99 2.11
N VAL A 63 -14.18 -7.81 3.12
CA VAL A 63 -14.52 -7.78 4.53
C VAL A 63 -15.41 -6.57 4.84
N ALA A 64 -15.05 -5.36 4.36
CA ALA A 64 -15.88 -4.18 4.63
C ALA A 64 -17.22 -4.29 3.91
N PHE A 65 -17.26 -4.93 2.72
CA PHE A 65 -18.51 -5.11 1.97
C PHE A 65 -19.51 -5.91 2.78
N ARG A 66 -19.05 -7.00 3.40
CA ARG A 66 -19.87 -7.88 4.23
C ARG A 66 -20.38 -7.16 5.48
N GLU A 67 -19.63 -6.19 6.01
CA GLU A 67 -20.01 -5.43 7.21
C GLU A 67 -20.81 -4.15 6.94
N LEU A 68 -20.96 -3.75 5.67
CA LEU A 68 -21.67 -2.53 5.30
C LEU A 68 -23.00 -2.83 4.60
N VAL A 69 -23.13 -4.04 4.04
CA VAL A 69 -24.30 -4.49 3.31
C VAL A 69 -25.08 -5.53 4.12
N GLU A 70 -26.43 -5.44 4.09
CA GLU A 70 -27.33 -6.39 4.77
C GLU A 70 -27.09 -7.79 4.20
N PRO A 71 -26.90 -8.85 5.03
CA PRO A 71 -26.66 -10.21 4.47
C PRO A 71 -27.64 -10.63 3.39
N ARG A 72 -28.91 -10.18 3.51
CA ARG A 72 -30.04 -10.41 2.61
C ARG A 72 -29.75 -9.88 1.19
N LYS A 73 -29.01 -8.74 1.08
CA LYS A 73 -28.62 -8.09 -0.18
C LYS A 73 -27.34 -8.67 -0.81
N GLN A 74 -26.54 -9.41 -0.02
CA GLN A 74 -25.28 -10.03 -0.45
C GLN A 74 -25.53 -11.31 -1.26
N ASP A 75 -25.99 -11.16 -2.52
CA ASP A 75 -26.23 -12.28 -3.44
C ASP A 75 -24.92 -12.65 -4.17
N ALA A 76 -24.94 -13.75 -4.95
CA ALA A 76 -23.82 -14.31 -5.69
C ALA A 76 -23.06 -13.25 -6.51
N ASP A 77 -23.79 -12.45 -7.33
CA ASP A 77 -23.29 -11.37 -8.18
C ASP A 77 -22.61 -10.27 -7.38
N SER A 78 -23.27 -9.77 -6.30
CA SER A 78 -22.75 -8.73 -5.40
C SER A 78 -21.39 -9.11 -4.82
N LEU A 79 -21.25 -10.41 -4.52
CA LEU A 79 -20.05 -11.00 -3.97
C LEU A 79 -18.97 -11.13 -5.00
N GLN A 80 -19.32 -11.57 -6.22
CA GLN A 80 -18.38 -11.65 -7.35
C GLN A 80 -17.82 -10.26 -7.64
N ARG A 81 -18.68 -9.20 -7.54
CA ARG A 81 -18.28 -7.80 -7.74
C ARG A 81 -17.31 -7.31 -6.65
N ALA A 82 -17.56 -7.68 -5.38
CA ALA A 82 -16.73 -7.31 -4.23
C ALA A 82 -15.33 -7.89 -4.34
N TRP A 83 -15.22 -9.18 -4.78
CA TRP A 83 -13.94 -9.90 -4.97
C TRP A 83 -13.17 -9.23 -6.17
N THR A 84 -13.92 -8.83 -7.22
CA THR A 84 -13.34 -8.17 -8.40
C THR A 84 -12.78 -6.82 -8.00
N VAL A 85 -13.51 -6.05 -7.17
CA VAL A 85 -13.06 -4.72 -6.71
C VAL A 85 -11.87 -4.86 -5.80
N GLY A 86 -11.86 -5.93 -4.99
CA GLY A 86 -10.71 -6.26 -4.14
C GLY A 86 -9.46 -6.53 -4.99
N TRP A 87 -9.63 -7.27 -6.08
CA TRP A 87 -8.56 -7.58 -7.01
C TRP A 87 -8.08 -6.33 -7.79
N CYS A 88 -8.96 -5.33 -7.97
CA CYS A 88 -8.63 -4.05 -8.62
C CYS A 88 -7.68 -3.27 -7.72
N VAL A 89 -7.87 -3.32 -6.39
CA VAL A 89 -7.00 -2.69 -5.39
C VAL A 89 -5.61 -3.39 -5.46
N GLU A 90 -5.60 -4.72 -5.60
CA GLU A 90 -4.35 -5.48 -5.70
C GLU A 90 -3.59 -5.18 -7.01
N LEU A 91 -4.34 -4.93 -8.10
CA LEU A 91 -3.74 -4.57 -9.40
C LEU A 91 -3.19 -3.16 -9.41
N LEU A 92 -3.83 -2.22 -8.67
CA LEU A 92 -3.35 -0.84 -8.50
C LEU A 92 -2.01 -0.88 -7.78
N GLN A 93 -1.91 -1.68 -6.72
CA GLN A 93 -0.66 -1.84 -5.97
C GLN A 93 0.45 -2.50 -6.83
N ALA A 94 0.10 -3.58 -7.57
CA ALA A 94 1.02 -4.28 -8.48
C ALA A 94 1.61 -3.31 -9.53
N PHE A 95 0.80 -2.40 -10.07
CA PHE A 95 1.26 -1.40 -11.04
C PHE A 95 2.27 -0.42 -10.38
N PHE A 96 1.98 0.09 -9.17
CA PHE A 96 2.87 0.99 -8.42
C PHE A 96 4.15 0.29 -8.04
N LEU A 97 4.08 -1.00 -7.64
CA LEU A 97 5.30 -1.71 -7.21
C LEU A 97 6.23 -2.03 -8.36
N VAL A 98 5.70 -2.52 -9.50
CA VAL A 98 6.49 -2.85 -10.69
C VAL A 98 7.27 -1.58 -11.10
N ALA A 99 6.59 -0.44 -11.13
CA ALA A 99 7.16 0.85 -11.51
C ALA A 99 8.14 1.38 -10.46
N ASP A 100 7.80 1.35 -9.16
CA ASP A 100 8.70 1.84 -8.11
C ASP A 100 9.97 1.02 -8.05
N ASP A 101 9.86 -0.31 -8.30
CA ASP A 101 11.03 -1.23 -8.28
C ASP A 101 12.01 -0.85 -9.34
N ILE A 102 11.52 -0.42 -10.52
CA ILE A 102 12.35 0.07 -11.63
C ILE A 102 13.02 1.37 -11.20
N MET A 103 12.23 2.36 -10.71
CA MET A 103 12.72 3.68 -10.32
C MET A 103 13.83 3.68 -9.23
N ASP A 104 13.71 2.85 -8.18
CA ASP A 104 14.73 2.84 -7.14
C ASP A 104 15.79 1.76 -7.31
N SER A 105 15.78 1.08 -8.48
CA SER A 105 16.78 0.06 -8.82
C SER A 105 16.76 -1.14 -7.85
N SER A 106 15.58 -1.57 -7.38
CA SER A 106 15.43 -2.72 -6.48
C SER A 106 15.84 -4.05 -7.14
N LEU A 107 16.22 -5.03 -6.32
CA LEU A 107 16.63 -6.34 -6.84
C LEU A 107 15.55 -7.36 -6.59
N THR A 108 14.92 -7.29 -5.41
CA THR A 108 13.89 -8.23 -4.99
C THR A 108 12.74 -7.52 -4.32
N ARG A 109 11.57 -8.16 -4.35
CA ARG A 109 10.35 -7.71 -3.69
C ARG A 109 9.73 -8.99 -3.12
N ARG A 110 9.63 -9.07 -1.78
CA ARG A 110 9.11 -10.24 -1.05
C ARG A 110 9.99 -11.47 -1.34
N GLY A 111 11.30 -11.25 -1.39
CA GLY A 111 12.27 -12.31 -1.64
C GLY A 111 12.29 -12.92 -3.03
N GLN A 112 11.44 -12.45 -3.96
CA GLN A 112 11.45 -12.93 -5.35
C GLN A 112 12.07 -11.82 -6.20
N ILE A 113 12.78 -12.18 -7.28
CA ILE A 113 13.41 -11.20 -8.18
C ILE A 113 12.33 -10.21 -8.72
N CYS A 114 12.65 -8.88 -8.76
CA CYS A 114 11.74 -7.89 -9.33
C CYS A 114 11.51 -8.24 -10.77
N TRP A 115 10.27 -8.08 -11.21
CA TRP A 115 9.82 -8.35 -12.57
C TRP A 115 10.78 -7.75 -13.62
N TYR A 116 11.15 -6.47 -13.45
CA TYR A 116 12.00 -5.78 -14.41
C TYR A 116 13.39 -6.38 -14.47
N GLN A 117 13.89 -6.97 -13.35
CA GLN A 117 15.20 -7.64 -13.25
C GLN A 117 15.23 -9.01 -13.93
N LYS A 118 14.04 -9.58 -14.29
CA LYS A 118 13.93 -10.87 -14.96
C LYS A 118 14.57 -10.79 -16.36
N PRO A 119 15.29 -11.85 -16.81
CA PRO A 119 15.89 -11.80 -18.16
C PRO A 119 14.83 -11.63 -19.23
N GLY A 120 15.09 -10.71 -20.16
CA GLY A 120 14.16 -10.43 -21.24
C GLY A 120 13.08 -9.39 -20.94
N VAL A 121 12.93 -9.01 -19.66
CA VAL A 121 11.93 -7.99 -19.31
C VAL A 121 12.57 -6.59 -19.41
N GLY A 122 13.48 -6.26 -18.49
CA GLY A 122 14.15 -4.96 -18.48
C GLY A 122 13.14 -3.82 -18.39
N LEU A 123 13.38 -2.76 -19.17
CA LEU A 123 12.54 -1.56 -19.18
C LEU A 123 11.16 -1.76 -19.84
N ASP A 124 10.90 -2.94 -20.47
CA ASP A 124 9.58 -3.32 -21.00
C ASP A 124 8.55 -3.38 -19.87
N ALA A 125 9.02 -3.61 -18.61
CA ALA A 125 8.16 -3.61 -17.40
C ALA A 125 7.44 -2.25 -17.22
N ILE A 126 7.91 -1.17 -17.88
CA ILE A 126 7.22 0.13 -17.84
C ILE A 126 5.83 -0.01 -18.52
N ASN A 127 5.77 -0.68 -19.68
CA ASN A 127 4.52 -0.97 -20.42
C ASN A 127 3.69 -1.98 -19.65
N ASP A 128 4.35 -2.94 -18.99
CA ASP A 128 3.71 -3.98 -18.17
C ASP A 128 2.97 -3.34 -16.99
N ALA A 129 3.63 -2.37 -16.29
CA ALA A 129 3.01 -1.67 -15.17
C ALA A 129 1.78 -0.91 -15.65
N ASN A 130 1.86 -0.31 -16.86
CA ASN A 130 0.73 0.41 -17.49
C ASN A 130 -0.43 -0.51 -17.78
N LEU A 131 -0.15 -1.69 -18.39
CA LEU A 131 -1.13 -2.74 -18.63
C LEU A 131 -1.82 -3.17 -17.32
N LEU A 132 -1.08 -3.30 -16.17
CA LEU A 132 -1.67 -3.66 -14.88
C LEU A 132 -2.70 -2.62 -14.42
N GLU A 133 -2.38 -1.35 -14.64
CA GLU A 133 -3.25 -0.21 -14.38
C GLU A 133 -4.50 -0.26 -15.28
N ALA A 134 -4.32 -0.55 -16.60
CA ALA A 134 -5.46 -0.63 -17.55
C ALA A 134 -6.46 -1.73 -17.17
N CYS A 135 -5.96 -2.81 -16.55
CA CYS A 135 -6.75 -3.97 -16.11
C CYS A 135 -7.79 -3.59 -15.08
N ILE A 136 -7.50 -2.63 -14.16
CA ILE A 136 -8.47 -2.14 -13.16
C ILE A 136 -9.78 -1.73 -13.86
N TYR A 137 -9.67 -0.81 -14.83
CA TYR A 137 -10.81 -0.20 -15.53
C TYR A 137 -11.51 -1.17 -16.43
N ARG A 138 -10.78 -2.15 -16.97
CA ARG A 138 -11.36 -3.23 -17.78
C ARG A 138 -12.28 -4.09 -16.88
N LEU A 139 -11.81 -4.42 -15.66
CA LEU A 139 -12.57 -5.20 -14.66
C LEU A 139 -13.78 -4.44 -14.17
N LEU A 140 -13.61 -3.13 -13.84
CA LEU A 140 -14.74 -2.28 -13.42
C LEU A 140 -15.82 -2.24 -14.50
N LYS A 141 -15.43 -2.16 -15.77
CA LYS A 141 -16.41 -2.16 -16.86
C LYS A 141 -17.11 -3.51 -16.98
N LEU A 142 -16.34 -4.61 -16.96
CA LEU A 142 -16.84 -5.97 -17.13
C LEU A 142 -17.82 -6.45 -16.05
N TYR A 143 -17.64 -5.98 -14.82
CA TYR A 143 -18.45 -6.39 -13.70
C TYR A 143 -19.34 -5.32 -13.10
N CYS A 144 -18.94 -4.05 -13.16
CA CYS A 144 -19.69 -3.00 -12.46
C CYS A 144 -20.34 -1.96 -13.37
N ARG A 145 -20.24 -2.11 -14.70
CA ARG A 145 -20.79 -1.19 -15.70
C ARG A 145 -22.24 -0.76 -15.41
N GLU A 146 -23.13 -1.74 -15.14
CA GLU A 146 -24.55 -1.51 -14.90
C GLU A 146 -24.89 -1.04 -13.48
N GLN A 147 -23.89 -1.01 -12.59
CA GLN A 147 -24.09 -0.63 -11.20
C GLN A 147 -24.21 0.87 -10.98
N PRO A 148 -24.98 1.36 -9.98
CA PRO A 148 -25.10 2.83 -9.81
C PRO A 148 -23.84 3.50 -9.25
N TYR A 149 -22.92 2.73 -8.67
CA TYR A 149 -21.68 3.25 -8.13
C TYR A 149 -20.50 3.17 -9.15
N TYR A 150 -20.76 2.70 -10.40
CA TYR A 150 -19.75 2.53 -11.46
C TYR A 150 -18.78 3.72 -11.58
N LEU A 151 -19.29 4.95 -11.84
CA LEU A 151 -18.56 6.20 -11.96
C LEU A 151 -17.81 6.55 -10.69
N ASN A 152 -18.42 6.29 -9.51
CA ASN A 152 -17.79 6.54 -8.21
C ASN A 152 -16.50 5.75 -8.01
N LEU A 153 -16.53 4.44 -8.39
CA LEU A 153 -15.38 3.53 -8.32
C LEU A 153 -14.30 3.96 -9.31
N ILE A 154 -14.66 4.30 -10.57
CA ILE A 154 -13.66 4.76 -11.58
C ILE A 154 -12.88 5.98 -11.05
N GLU A 155 -13.61 7.03 -10.63
CA GLU A 155 -13.04 8.25 -10.08
C GLU A 155 -12.21 8.03 -8.85
N LEU A 156 -12.62 7.09 -7.96
CA LEU A 156 -11.87 6.72 -6.75
C LEU A 156 -10.54 6.08 -7.09
N PHE A 157 -10.53 5.12 -8.04
CA PHE A 157 -9.28 4.49 -8.47
C PHE A 157 -8.36 5.49 -9.16
N LEU A 158 -8.93 6.39 -10.00
CA LEU A 158 -8.18 7.42 -10.71
C LEU A 158 -7.61 8.43 -9.70
N GLN A 159 -8.39 8.85 -8.70
CA GLN A 159 -7.90 9.82 -7.71
C GLN A 159 -6.78 9.18 -6.83
N SER A 160 -6.96 7.91 -6.44
CA SER A 160 -5.96 7.15 -5.65
C SER A 160 -4.65 7.01 -6.41
N SER A 161 -4.69 6.77 -7.75
CA SER A 161 -3.48 6.64 -8.59
C SER A 161 -2.75 7.97 -8.52
N TYR A 162 -3.46 9.07 -8.81
CA TYR A 162 -2.91 10.43 -8.82
C TYR A 162 -2.29 10.83 -7.47
N GLN A 163 -2.96 10.53 -6.36
CA GLN A 163 -2.44 10.82 -5.02
C GLN A 163 -1.20 10.02 -4.67
N THR A 164 -1.15 8.75 -5.09
CA THR A 164 0.02 7.90 -4.91
C THR A 164 1.23 8.44 -5.74
N GLU A 165 0.97 8.89 -6.99
CA GLU A 165 1.93 9.42 -7.95
C GLU A 165 2.52 10.72 -7.42
N ILE A 166 1.67 11.61 -6.89
CA ILE A 166 2.08 12.85 -6.25
C ILE A 166 2.98 12.50 -5.04
N GLY A 167 2.59 11.49 -4.25
CA GLY A 167 3.39 10.99 -3.13
C GLY A 167 4.77 10.49 -3.56
N GLN A 168 4.80 9.66 -4.63
CA GLN A 168 6.00 9.11 -5.24
C GLN A 168 6.92 10.24 -5.72
N THR A 169 6.34 11.33 -6.28
CA THR A 169 7.11 12.50 -6.75
C THR A 169 7.78 13.15 -5.56
N LEU A 170 6.99 13.34 -4.48
CA LEU A 170 7.45 13.96 -3.26
C LEU A 170 8.62 13.22 -2.65
N ASP A 171 8.55 11.87 -2.67
CA ASP A 171 9.56 10.93 -2.18
C ASP A 171 10.87 11.07 -2.98
N LEU A 172 10.78 10.98 -4.32
CA LEU A 172 11.89 11.14 -5.26
C LEU A 172 12.59 12.49 -5.13
N LEU A 173 11.84 13.59 -4.84
CA LEU A 173 12.43 14.93 -4.67
C LEU A 173 13.13 15.03 -3.32
N THR A 174 12.59 14.36 -2.30
CA THR A 174 13.11 14.37 -0.94
C THR A 174 14.40 13.56 -0.83
N ALA A 175 14.47 12.39 -1.51
CA ALA A 175 15.65 11.52 -1.48
C ALA A 175 16.26 11.27 -2.88
N PRO A 176 16.96 12.26 -3.51
CA PRO A 176 17.55 11.99 -4.83
C PRO A 176 18.67 10.93 -4.75
N GLN A 177 18.68 9.99 -5.71
CA GLN A 177 19.65 8.90 -5.84
C GLN A 177 21.02 9.54 -6.10
N GLY A 178 22.02 9.13 -5.32
CA GLY A 178 23.36 9.69 -5.37
C GLY A 178 23.43 11.09 -4.78
N ASN A 179 22.54 11.37 -3.78
CA ASN A 179 22.45 12.66 -3.10
C ASN A 179 22.16 12.55 -1.61
N VAL A 180 23.06 13.14 -0.81
CA VAL A 180 23.03 13.18 0.65
C VAL A 180 22.55 14.57 1.08
N ASP A 181 21.30 14.65 1.58
CA ASP A 181 20.67 15.88 2.09
C ASP A 181 19.58 15.56 3.12
N LEU A 182 20.00 15.52 4.40
CA LEU A 182 19.14 15.23 5.56
C LEU A 182 18.32 16.46 5.99
N VAL A 183 18.65 17.65 5.43
CA VAL A 183 17.96 18.93 5.70
C VAL A 183 16.49 18.80 5.29
N ARG A 184 16.20 18.18 4.12
CA ARG A 184 14.85 17.98 3.60
C ARG A 184 14.12 16.75 4.20
N PHE A 185 14.78 16.00 5.12
CA PHE A 185 14.22 14.83 5.78
C PHE A 185 13.48 15.26 7.08
N THR A 186 12.49 16.18 6.94
CA THR A 186 11.70 16.72 8.05
C THR A 186 10.46 15.85 8.37
N GLU A 187 9.80 16.10 9.52
CA GLU A 187 8.59 15.38 9.92
C GLU A 187 7.43 15.73 9.02
N LYS A 188 7.22 17.05 8.78
CA LYS A 188 6.16 17.62 7.94
C LYS A 188 6.21 17.04 6.52
N ARG A 189 7.42 16.83 5.99
CA ARG A 189 7.62 16.24 4.66
C ARG A 189 7.32 14.74 4.70
N TYR A 190 7.80 14.06 5.77
CA TYR A 190 7.58 12.63 5.99
C TYR A 190 6.09 12.30 6.06
N LYS A 191 5.31 13.05 6.87
CA LYS A 191 3.85 12.84 6.99
C LYS A 191 3.13 13.00 5.64
N SER A 192 3.58 13.98 4.81
CA SER A 192 3.08 14.27 3.45
C SER A 192 3.38 13.12 2.48
N ILE A 193 4.63 12.60 2.48
CA ILE A 193 5.01 11.48 1.62
C ILE A 193 4.13 10.23 1.98
N VAL A 194 4.00 9.95 3.29
CA VAL A 194 3.20 8.83 3.81
C VAL A 194 1.70 8.99 3.44
N LYS A 195 1.14 10.19 3.60
CA LYS A 195 -0.26 10.47 3.29
C LYS A 195 -0.61 10.17 1.83
N TYR A 196 0.18 10.72 0.90
CA TYR A 196 -0.06 10.58 -0.52
C TYR A 196 0.42 9.25 -1.11
N LYS A 197 1.68 8.87 -0.84
CA LYS A 197 2.28 7.64 -1.39
C LYS A 197 1.67 6.31 -0.87
N THR A 198 1.29 6.23 0.40
CA THR A 198 0.83 4.98 0.99
C THR A 198 -0.60 4.99 1.54
N ALA A 199 -0.90 5.88 2.50
CA ALA A 199 -2.16 5.96 3.25
C ALA A 199 -3.44 5.95 2.40
N PHE A 200 -3.52 6.80 1.36
CA PHE A 200 -4.71 6.85 0.51
C PHE A 200 -5.04 5.49 -0.12
N TYR A 201 -4.09 4.89 -0.88
CA TYR A 201 -4.40 3.65 -1.57
C TYR A 201 -4.51 2.44 -0.65
N SER A 202 -3.70 2.40 0.44
CA SER A 202 -3.66 1.26 1.34
C SER A 202 -4.81 1.19 2.31
N PHE A 203 -5.28 2.34 2.81
CA PHE A 203 -6.29 2.43 3.85
C PHE A 203 -7.60 3.09 3.43
N TYR A 204 -7.50 4.23 2.74
CA TYR A 204 -8.72 4.90 2.34
C TYR A 204 -9.42 4.18 1.21
N LEU A 205 -8.72 3.90 0.13
CA LEU A 205 -9.26 3.24 -1.06
C LEU A 205 -10.08 1.95 -0.77
N PRO A 206 -9.57 0.93 -0.03
CA PRO A 206 -10.36 -0.30 0.15
C PRO A 206 -11.73 -0.11 0.79
N ILE A 207 -11.81 0.70 1.88
CA ILE A 207 -13.04 0.96 2.65
C ILE A 207 -13.96 1.78 1.82
N ALA A 208 -13.41 2.85 1.18
CA ALA A 208 -14.12 3.78 0.30
C ALA A 208 -14.81 3.01 -0.83
N ALA A 209 -14.12 2.03 -1.46
CA ALA A 209 -14.69 1.21 -2.54
C ALA A 209 -15.86 0.38 -1.98
N ALA A 210 -15.66 -0.26 -0.80
CA ALA A 210 -16.71 -1.02 -0.09
C ALA A 210 -17.93 -0.13 0.23
N MET A 211 -17.68 1.09 0.75
CA MET A 211 -18.69 2.12 1.04
C MET A 211 -19.54 2.44 -0.19
N TYR A 212 -18.94 2.77 -1.37
CA TYR A 212 -19.72 3.05 -2.59
C TYR A 212 -20.48 1.83 -3.05
N MET A 213 -19.87 0.64 -2.95
CA MET A 213 -20.58 -0.59 -3.34
C MET A 213 -21.82 -0.83 -2.46
N ALA A 214 -21.82 -0.26 -1.23
CA ALA A 214 -22.92 -0.33 -0.25
C ALA A 214 -23.93 0.81 -0.42
N GLY A 215 -23.69 1.71 -1.37
CA GLY A 215 -24.55 2.86 -1.60
C GLY A 215 -24.26 4.04 -0.68
N ILE A 216 -23.16 3.93 0.10
CA ILE A 216 -22.73 5.00 1.01
C ILE A 216 -21.82 5.87 0.15
N ASP A 217 -22.44 6.89 -0.45
CA ASP A 217 -21.73 7.76 -1.37
C ASP A 217 -21.63 9.22 -0.90
N GLY A 218 -22.15 9.52 0.30
CA GLY A 218 -22.12 10.84 0.90
C GLY A 218 -20.71 11.39 1.08
N GLU A 219 -20.53 12.69 0.80
CA GLU A 219 -19.25 13.38 0.92
C GLU A 219 -18.77 13.42 2.38
N LYS A 220 -19.68 13.68 3.33
CA LYS A 220 -19.35 13.75 4.75
C LYS A 220 -18.93 12.38 5.31
N GLU A 221 -19.67 11.28 4.97
CA GLU A 221 -19.36 9.90 5.38
C GLU A 221 -17.95 9.48 4.87
N HIS A 222 -17.61 9.86 3.61
CA HIS A 222 -16.30 9.59 3.01
C HIS A 222 -15.22 10.41 3.67
N ALA A 223 -15.49 11.69 4.01
CA ALA A 223 -14.54 12.55 4.71
C ALA A 223 -14.33 12.02 6.12
N ASN A 224 -15.41 11.53 6.76
CA ASN A 224 -15.34 10.96 8.10
C ASN A 224 -14.46 9.72 8.11
N ALA A 225 -14.73 8.75 7.19
CA ALA A 225 -13.94 7.53 6.99
C ALA A 225 -12.48 7.86 6.65
N LYS A 226 -12.25 8.88 5.78
CA LYS A 226 -10.91 9.34 5.41
C LYS A 226 -10.09 9.83 6.65
N LYS A 227 -10.70 10.63 7.55
CA LYS A 227 -10.05 11.12 8.78
C LYS A 227 -9.44 9.95 9.61
N ILE A 228 -10.23 8.87 9.82
CA ILE A 228 -9.79 7.68 10.54
C ILE A 228 -8.67 6.95 9.78
N LEU A 229 -8.94 6.61 8.50
CA LEU A 229 -8.11 5.76 7.66
C LEU A 229 -6.70 6.33 7.35
N LEU A 230 -6.60 7.64 7.10
CA LEU A 230 -5.29 8.23 6.85
C LEU A 230 -4.44 8.19 8.12
N GLU A 231 -5.06 8.40 9.30
CA GLU A 231 -4.37 8.33 10.59
C GLU A 231 -3.83 6.92 10.85
N MET A 232 -4.61 5.89 10.46
CA MET A 232 -4.20 4.49 10.54
C MET A 232 -3.01 4.26 9.61
N GLY A 233 -3.08 4.84 8.40
CA GLY A 233 -2.06 4.76 7.37
C GLY A 233 -0.75 5.37 7.80
N GLU A 234 -0.79 6.56 8.46
CA GLU A 234 0.36 7.25 9.05
C GLU A 234 1.03 6.32 10.08
N PHE A 235 0.26 5.73 11.01
CA PHE A 235 0.80 4.81 12.00
C PHE A 235 1.50 3.61 11.33
N PHE A 236 0.80 2.96 10.38
CA PHE A 236 1.26 1.77 9.66
C PHE A 236 2.65 1.92 9.05
N GLN A 237 2.89 3.01 8.32
CA GLN A 237 4.17 3.25 7.66
C GLN A 237 5.27 3.53 8.70
N ILE A 238 4.91 4.22 9.80
CA ILE A 238 5.84 4.48 10.91
C ILE A 238 6.25 3.15 11.55
N GLN A 239 5.29 2.21 11.65
CA GLN A 239 5.54 0.86 12.16
C GLN A 239 6.40 0.07 11.15
N ASP A 240 6.18 0.29 9.86
CA ASP A 240 6.92 -0.37 8.78
C ASP A 240 8.43 0.03 8.79
N ASP A 241 8.70 1.33 9.02
CA ASP A 241 10.03 1.93 9.11
C ASP A 241 10.75 1.47 10.38
N TYR A 242 9.99 1.24 11.47
CA TYR A 242 10.53 0.78 12.76
C TYR A 242 10.90 -0.69 12.72
N LEU A 243 9.95 -1.57 12.32
CA LEU A 243 10.15 -3.02 12.20
C LEU A 243 11.24 -3.40 11.17
N ASP A 244 11.53 -2.50 10.21
CA ASP A 244 12.55 -2.70 9.20
C ASP A 244 13.94 -2.82 9.87
N LEU A 245 14.16 -2.08 10.98
CA LEU A 245 15.41 -2.07 11.72
C LEU A 245 15.33 -2.69 13.12
N PHE A 246 14.39 -2.23 13.94
CA PHE A 246 14.24 -2.71 15.31
C PHE A 246 13.29 -3.90 15.46
N GLY A 247 12.97 -4.53 14.33
CA GLY A 247 12.11 -5.72 14.29
C GLY A 247 12.87 -6.99 13.99
N ASP A 248 12.15 -8.09 13.74
CA ASP A 248 12.75 -9.38 13.41
C ASP A 248 12.18 -9.99 12.12
N PRO A 249 13.06 -10.49 11.22
CA PRO A 249 12.59 -11.04 9.93
C PRO A 249 11.86 -12.38 10.03
N SER A 250 11.86 -13.01 11.22
CA SER A 250 11.17 -14.28 11.49
C SER A 250 9.65 -14.04 11.31
N VAL A 251 9.11 -13.06 12.07
CA VAL A 251 7.70 -12.67 12.06
C VAL A 251 7.36 -11.82 10.82
N THR A 252 8.20 -10.81 10.49
CA THR A 252 8.00 -9.86 9.38
C THR A 252 8.28 -10.43 7.98
N GLY A 253 9.44 -11.06 7.80
CA GLY A 253 9.87 -11.61 6.52
C GLY A 253 10.59 -10.59 5.66
N LYS A 254 11.16 -9.55 6.29
CA LYS A 254 11.90 -8.46 5.66
C LYS A 254 13.13 -8.10 6.52
N ILE A 255 14.31 -7.96 5.87
CA ILE A 255 15.55 -7.61 6.56
C ILE A 255 15.93 -6.16 6.18
N GLY A 256 16.54 -5.44 7.14
CA GLY A 256 16.97 -4.04 7.03
C GLY A 256 17.66 -3.61 5.77
N THR A 257 17.04 -2.65 5.05
CA THR A 257 17.55 -2.07 3.80
C THR A 257 17.54 -0.55 3.81
N ASP A 258 16.65 0.06 4.63
CA ASP A 258 16.45 1.52 4.78
C ASP A 258 17.77 2.33 4.85
N ILE A 259 18.74 1.85 5.65
CA ILE A 259 20.05 2.51 5.87
C ILE A 259 20.91 2.55 4.61
N GLN A 260 21.15 1.38 4.00
CA GLN A 260 21.95 1.18 2.79
C GLN A 260 21.39 1.91 1.55
N ASP A 261 20.06 2.16 1.54
CA ASP A 261 19.34 2.77 0.42
C ASP A 261 18.99 4.27 0.59
N ASN A 262 19.45 4.91 1.70
CA ASN A 262 19.26 6.33 2.03
C ASN A 262 17.77 6.77 2.00
N LYS A 263 16.89 5.93 2.58
CA LYS A 263 15.45 6.19 2.61
C LYS A 263 15.05 7.21 3.68
N CYS A 264 13.93 7.91 3.45
CA CYS A 264 13.35 8.87 4.38
C CYS A 264 12.45 8.13 5.41
N SER A 265 13.08 7.23 6.19
CA SER A 265 12.48 6.42 7.26
C SER A 265 12.14 7.33 8.42
N TRP A 266 11.08 6.99 9.19
CA TRP A 266 10.63 7.75 10.37
C TRP A 266 11.74 7.80 11.45
N LEU A 267 12.61 6.78 11.47
CA LEU A 267 13.69 6.70 12.45
C LEU A 267 14.71 7.81 12.25
N VAL A 268 15.21 7.99 11.01
CA VAL A 268 16.20 9.04 10.67
C VAL A 268 15.60 10.46 10.89
N VAL A 269 14.26 10.58 10.71
CA VAL A 269 13.50 11.82 10.86
C VAL A 269 13.45 12.29 12.33
N GLN A 270 13.12 11.37 13.27
CA GLN A 270 13.05 11.70 14.70
C GLN A 270 14.44 11.94 15.30
N CYS A 271 15.48 11.35 14.66
CA CYS A 271 16.89 11.51 14.99
C CYS A 271 17.31 12.95 14.67
N LEU A 272 16.75 13.54 13.59
CA LEU A 272 17.01 14.92 13.13
C LEU A 272 16.53 15.99 14.12
N GLN A 273 15.26 15.94 14.57
CA GLN A 273 14.67 16.90 15.52
C GLN A 273 15.28 16.81 16.92
N ARG A 274 15.85 15.65 17.27
CA ARG A 274 16.50 15.38 18.56
C ARG A 274 17.98 14.98 18.37
N ALA A 275 18.85 15.97 18.08
CA ALA A 275 20.29 15.75 17.89
C ALA A 275 21.14 17.00 18.12
N THR A 276 22.31 16.80 18.76
CA THR A 276 23.31 17.85 18.99
C THR A 276 24.05 18.01 17.65
N PRO A 277 24.61 19.20 17.30
CA PRO A 277 25.31 19.35 16.01
C PRO A 277 26.40 18.30 15.72
N GLU A 278 26.93 17.64 16.77
CA GLU A 278 27.93 16.58 16.64
C GLU A 278 27.31 15.23 16.23
N GLN A 279 26.11 14.92 16.76
CA GLN A 279 25.37 13.70 16.45
C GLN A 279 24.82 13.69 15.02
N TYR A 280 24.57 14.89 14.45
CA TYR A 280 24.10 15.10 13.08
C TYR A 280 25.23 14.78 12.08
N GLN A 281 26.51 15.07 12.46
CA GLN A 281 27.70 14.82 11.65
C GLN A 281 27.97 13.32 11.47
N ILE A 282 27.80 12.53 12.56
CA ILE A 282 27.98 11.08 12.60
C ILE A 282 27.05 10.39 11.57
N LEU A 283 25.74 10.77 11.61
CA LEU A 283 24.68 10.30 10.72
C LEU A 283 25.04 10.56 9.26
N LYS A 284 25.42 11.82 8.93
CA LYS A 284 25.82 12.29 7.60
C LYS A 284 26.91 11.40 6.99
N GLU A 285 27.94 11.07 7.79
CA GLU A 285 29.09 10.24 7.41
C GLU A 285 28.77 8.77 7.16
N ASN A 286 27.74 8.22 7.83
CA ASN A 286 27.41 6.80 7.74
C ASN A 286 26.21 6.43 6.85
N TYR A 287 25.04 7.08 7.05
CA TYR A 287 23.78 6.80 6.36
C TYR A 287 23.86 6.88 4.82
N GLY A 288 23.62 5.73 4.17
CA GLY A 288 23.61 5.60 2.73
C GLY A 288 24.65 4.65 2.14
N GLN A 289 25.58 4.18 2.98
CA GLN A 289 26.69 3.30 2.58
C GLN A 289 26.37 1.81 2.71
N LYS A 290 26.74 1.03 1.67
CA LYS A 290 26.53 -0.42 1.59
C LYS A 290 27.58 -1.24 2.38
N GLU A 291 28.44 -0.56 3.16
CA GLU A 291 29.43 -1.23 4.00
C GLU A 291 28.73 -1.56 5.32
N ALA A 292 28.74 -2.85 5.70
CA ALA A 292 28.13 -3.40 6.91
C ALA A 292 28.56 -2.68 8.20
N GLU A 293 29.78 -2.11 8.19
CA GLU A 293 30.40 -1.36 9.30
C GLU A 293 29.63 -0.05 9.54
N LYS A 294 29.40 0.73 8.45
CA LYS A 294 28.69 2.01 8.46
C LYS A 294 27.21 1.84 8.82
N VAL A 295 26.58 0.74 8.36
CA VAL A 295 25.18 0.40 8.62
C VAL A 295 24.99 0.12 10.13
N ALA A 296 25.98 -0.55 10.75
CA ALA A 296 26.00 -0.89 12.17
C ALA A 296 26.07 0.34 13.09
N ARG A 297 26.77 1.40 12.62
CA ARG A 297 26.96 2.65 13.36
C ARG A 297 25.68 3.49 13.47
N VAL A 298 24.83 3.46 12.43
CA VAL A 298 23.54 4.19 12.37
C VAL A 298 22.60 3.66 13.45
N LYS A 299 22.39 2.32 13.47
CA LYS A 299 21.55 1.59 14.43
C LYS A 299 21.91 1.96 15.87
N ALA A 300 23.21 2.20 16.14
CA ALA A 300 23.74 2.58 17.44
C ALA A 300 23.31 3.99 17.88
N LEU A 301 23.40 4.99 16.97
CA LEU A 301 23.02 6.39 17.24
C LEU A 301 21.52 6.53 17.54
N TYR A 302 20.68 5.67 16.94
CA TYR A 302 19.24 5.64 17.18
C TYR A 302 18.96 5.15 18.61
N GLU A 303 19.57 4.01 18.99
CA GLU A 303 19.46 3.37 20.30
C GLU A 303 19.81 4.32 21.45
N GLU A 304 20.89 5.13 21.29
CA GLU A 304 21.36 6.09 22.29
C GLU A 304 20.37 7.24 22.48
N LEU A 305 19.72 7.68 21.38
CA LEU A 305 18.73 8.76 21.38
C LEU A 305 17.32 8.28 21.80
N ASP A 306 17.25 7.02 22.32
CA ASP A 306 16.07 6.33 22.84
C ASP A 306 14.88 6.35 21.87
N LEU A 307 15.14 6.02 20.59
CA LEU A 307 14.11 5.96 19.56
C LEU A 307 13.15 4.76 19.72
N PRO A 308 13.57 3.54 20.22
CA PRO A 308 12.59 2.45 20.42
C PRO A 308 11.52 2.81 21.47
N ALA A 309 11.89 3.62 22.49
CA ALA A 309 11.01 4.14 23.54
C ALA A 309 10.17 5.29 22.97
N VAL A 310 10.73 6.06 22.01
CA VAL A 310 10.07 7.16 21.30
C VAL A 310 8.96 6.56 20.42
N PHE A 311 9.22 5.41 19.77
CA PHE A 311 8.24 4.69 18.97
C PHE A 311 7.19 4.03 19.87
N LEU A 312 7.64 3.40 20.99
CA LEU A 312 6.72 2.73 21.93
C LEU A 312 5.67 3.69 22.45
N GLN A 313 6.08 4.91 22.88
CA GLN A 313 5.18 5.97 23.35
C GLN A 313 4.30 6.44 22.19
N TYR A 314 4.87 6.53 20.95
CA TYR A 314 4.13 6.92 19.74
C TYR A 314 2.99 5.91 19.47
N GLU A 315 3.28 4.59 19.57
CA GLU A 315 2.30 3.52 19.35
C GLU A 315 1.16 3.55 20.38
N GLU A 316 1.50 3.78 21.67
CA GLU A 316 0.53 3.87 22.78
C GLU A 316 -0.41 5.04 22.51
N ASP A 317 0.16 6.24 22.25
CA ASP A 317 -0.57 7.47 21.96
C ASP A 317 -1.38 7.39 20.67
N SER A 318 -0.86 6.66 19.66
CA SER A 318 -1.50 6.48 18.35
C SER A 318 -2.76 5.62 18.43
N TYR A 319 -2.68 4.47 19.14
CA TYR A 319 -3.80 3.54 19.30
C TYR A 319 -4.96 4.24 20.01
N SER A 320 -4.65 4.99 21.09
CA SER A 320 -5.61 5.75 21.88
C SER A 320 -6.35 6.75 21.00
N HIS A 321 -5.60 7.54 20.23
CA HIS A 321 -6.11 8.54 19.30
C HIS A 321 -7.01 7.95 18.21
N ILE A 322 -6.63 6.79 17.65
CA ILE A 322 -7.42 6.13 16.62
C ILE A 322 -8.75 5.57 17.22
N MET A 323 -8.78 5.25 18.53
CA MET A 323 -10.00 4.78 19.19
C MET A 323 -10.94 5.97 19.39
N ALA A 324 -10.35 7.15 19.67
CA ALA A 324 -11.06 8.43 19.83
C ALA A 324 -11.61 8.88 18.47
N LEU A 325 -10.85 8.66 17.38
CA LEU A 325 -11.28 9.00 16.04
C LEU A 325 -12.45 8.13 15.59
N ILE A 326 -12.42 6.82 15.95
CA ILE A 326 -13.48 5.86 15.62
C ILE A 326 -14.79 6.27 16.31
N GLU A 327 -14.75 6.59 17.62
CA GLU A 327 -15.91 7.04 18.39
C GLU A 327 -16.59 8.27 17.75
N GLN A 328 -15.75 9.24 17.34
CA GLN A 328 -16.09 10.53 16.74
C GLN A 328 -16.47 10.53 15.25
N TYR A 329 -15.89 9.66 14.41
CA TYR A 329 -16.14 9.68 12.97
C TYR A 329 -16.71 8.37 12.34
N ALA A 330 -16.88 7.28 13.11
CA ALA A 330 -17.43 6.02 12.57
C ALA A 330 -18.88 6.16 12.15
N ALA A 331 -19.78 6.59 13.09
CA ALA A 331 -21.22 6.79 12.87
C ALA A 331 -21.51 7.55 11.56
N PRO A 332 -22.39 7.00 10.68
CA PRO A 332 -23.31 5.86 10.93
C PRO A 332 -22.76 4.46 10.58
N LEU A 333 -21.51 4.37 10.12
CA LEU A 333 -20.90 3.09 9.75
C LEU A 333 -20.68 2.22 10.98
N PRO A 334 -20.79 0.86 10.89
CA PRO A 334 -20.56 0.05 12.10
C PRO A 334 -19.09 0.15 12.50
N PRO A 335 -18.82 0.54 13.76
CA PRO A 335 -17.41 0.69 14.19
C PRO A 335 -16.51 -0.49 13.84
N ALA A 336 -17.06 -1.73 13.79
CA ALA A 336 -16.32 -2.98 13.47
C ALA A 336 -15.56 -2.97 12.09
N VAL A 337 -15.94 -2.05 11.18
CA VAL A 337 -15.28 -1.85 9.86
C VAL A 337 -13.87 -1.29 10.11
N PHE A 338 -13.79 -0.32 11.03
CA PHE A 338 -12.53 0.32 11.41
C PHE A 338 -11.76 -0.51 12.42
N LEU A 339 -12.46 -1.11 13.37
CA LEU A 339 -11.86 -1.92 14.44
C LEU A 339 -11.17 -3.20 13.97
N GLY A 340 -11.79 -3.93 13.05
CA GLY A 340 -11.23 -5.15 12.46
C GLY A 340 -9.90 -4.87 11.78
N LEU A 341 -9.83 -3.72 11.10
CA LEU A 341 -8.62 -3.25 10.42
C LEU A 341 -7.56 -2.78 11.45
N ALA A 342 -7.96 -1.96 12.46
CA ALA A 342 -7.07 -1.47 13.53
C ALA A 342 -6.38 -2.62 14.28
N ARG A 343 -7.13 -3.70 14.59
CA ARG A 343 -6.62 -4.90 15.28
C ARG A 343 -5.47 -5.54 14.46
N LYS A 344 -5.64 -5.63 13.14
CA LYS A 344 -4.66 -6.24 12.25
C LYS A 344 -3.38 -5.39 12.08
N ILE A 345 -3.52 -4.07 12.19
CA ILE A 345 -2.47 -3.08 12.04
C ILE A 345 -1.68 -2.90 13.34
N TYR A 346 -2.37 -2.71 14.47
CA TYR A 346 -1.71 -2.49 15.76
C TYR A 346 -1.26 -3.79 16.42
N LYS A 347 0.04 -4.11 16.29
CA LYS A 347 0.74 -5.30 16.81
C LYS A 347 0.25 -6.64 16.19
C1 5BL B . 2.40 -5.23 12.13
C2 5BL B . 2.48 -5.30 10.67
C3 5BL B . 1.27 -5.68 10.26
C11 5BL B . -3.34 -6.40 7.47
C12 5BL B . -4.72 -6.19 7.29
C13 5BL B . -5.14 -5.11 6.48
C14 5BL B . -2.81 -4.48 6.02
C15 5BL B . -4.21 -4.26 5.85
C16 5BL B . -4.66 -3.19 5.06
C17 5BL B . -3.73 -2.31 4.45
C18 5BL B . -2.35 -2.51 4.62
C19 5BL B . -1.90 -3.58 5.40
C20 5BL B . -0.05 -6.31 6.14
C21 5BL B . 1.31 -6.52 6.49
C22 5BL B . 2.21 -6.93 5.49
C23 5BL B . 1.74 -7.12 4.18
C24 5BL B . 0.39 -6.88 3.86
C26 5BL B . -0.13 -7.07 2.44
N4 5BL B . 0.53 -5.82 11.33
C5 5BL B . 1.15 -5.56 12.44
C6 5BL B . -0.96 -5.87 7.13
C7 5BL B . -0.50 -5.64 8.45
C8 5BL B . 0.84 -5.89 8.81
C9 5BL B . 1.74 -6.32 7.82
C10 5BL B . -2.38 -5.58 6.83
N25 5BL B . -0.45 -6.49 4.84
O27 5BL B . -1.38 -7.49 2.28
O28 5BL B . 0.60 -6.86 1.47
#